data_7L1T
#
_entry.id   7L1T
#
_cell.length_a   154.216
_cell.length_b   154.216
_cell.length_c   76.257
_cell.angle_alpha   90.000
_cell.angle_beta   90.000
_cell.angle_gamma   120.000
#
_symmetry.space_group_name_H-M   'P 6 2 2'
#
loop_
_entity.id
_entity.type
_entity.pdbx_description
1 polymer 'O-phosphoseryl-tRNA(Sec) selenium transferase'
2 non-polymer '(5-HYDROXY-4,6-DIMETHYLPYRIDIN-3-YL)METHYL DIHYDROGEN PHOSPHATE'
3 non-polymer 'PHOSPHATE ION'
4 water water
#
_entity_poly.entity_id   1
_entity_poly.type   'polypeptide(L)'
_entity_poly.pdbx_seq_one_letter_code
;MGSSHHHHHHSSGLVPRGSHMNRESFAAGERLVSPAYVRQGCEARRSHEHLIRLLLEKGKCPENGWDESTLELFLHELAI
MDSNNFLGNCGVGEREGRVASALVARRHYRFIHGIGRSGDISAVQPKAAGSSLLNKITNSLVLDIIKLAGVHTVANCFVV
PMATGMSLTLCFLTLRHKRPKAKYIIWPRIDQKSCFKSMITAGFEPVVIENVLEGDELRTDLKAVEAKVQELGPDCILCI
HSTTSCFAPRVPDRLEELAVICANYDIPHIVNNAYGVQSSKCMHLIQQGARVGRIDAFVQSLDKNFMVPVGGAIIAGFND
SFIQEISKMYPGRASASPSLDVLITLLSLGSNGYKKLLKERKEMFSYLSNQIKKLSEAYNERLLHTPHNPISLAMTLKTL
DEHRDKAVTQLGSMLFTRQVSGARVVPLGSMQTVSGYTFRGFMSHTNNYPCAYLNAASAIGMKMQDVDLFIKRLDRCLKA
VRKERSKESDDNYDKTEDVDIEEMALKLDNVLLDTYQDASS
;
_entity_poly.pdbx_strand_id   A
#
loop_
_chem_comp.id
_chem_comp.type
_chem_comp.name
_chem_comp.formula
PLR non-polymer '(5-HYDROXY-4,6-DIMETHYLPYRIDIN-3-YL)METHYL DIHYDROGEN PHOSPHATE' 'C8 H12 N O5 P'
PO4 non-polymer 'PHOSPHATE ION' 'O4 P -3'
#
# COMPACT_ATOMS: atom_id res chain seq x y z
N ALA A 28 2.79 16.39 -42.33
CA ALA A 28 2.65 17.51 -43.24
C ALA A 28 3.43 17.27 -44.53
N GLY A 29 4.02 16.08 -44.64
CA GLY A 29 4.79 15.73 -45.82
C GLY A 29 3.94 15.19 -46.95
N GLU A 30 3.05 16.04 -47.48
CA GLU A 30 2.17 15.66 -48.58
C GLU A 30 2.87 15.66 -49.94
N ARG A 31 4.19 15.83 -49.95
CA ARG A 31 4.92 15.83 -51.22
C ARG A 31 4.92 14.45 -51.87
N LEU A 32 5.01 13.40 -51.05
CA LEU A 32 5.05 12.03 -51.55
C LEU A 32 3.70 11.34 -51.45
N VAL A 33 3.15 11.24 -50.24
CA VAL A 33 1.87 10.57 -50.01
C VAL A 33 0.74 11.51 -50.42
N SER A 34 -0.36 10.91 -50.90
CA SER A 34 -1.51 11.69 -51.31
C SER A 34 -2.05 12.52 -50.15
N PRO A 35 -2.59 13.72 -50.43
CA PRO A 35 -3.06 14.58 -49.34
C PRO A 35 -4.22 14.00 -48.55
N ALA A 36 -5.05 13.16 -49.17
CA ALA A 36 -6.20 12.60 -48.45
C ALA A 36 -5.74 11.60 -47.39
N TYR A 37 -4.69 10.83 -47.68
CA TYR A 37 -4.21 9.84 -46.72
C TYR A 37 -3.40 10.49 -45.61
N VAL A 38 -2.65 11.56 -45.92
CA VAL A 38 -1.95 12.29 -44.87
C VAL A 38 -2.94 13.01 -43.97
N ARG A 39 -4.05 13.50 -44.54
CA ARG A 39 -5.07 14.18 -43.74
C ARG A 39 -5.72 13.23 -42.74
N GLN A 40 -5.96 11.98 -43.16
CA GLN A 40 -6.56 11.00 -42.25
C GLN A 40 -5.56 10.56 -41.18
N GLY A 41 -4.28 10.47 -41.52
CA GLY A 41 -3.28 10.14 -40.52
C GLY A 41 -3.06 11.25 -39.51
N CYS A 42 -2.97 12.50 -39.99
CA CYS A 42 -2.81 13.63 -39.09
C CYS A 42 -4.06 13.86 -38.25
N GLU A 43 -5.24 13.56 -38.80
CA GLU A 43 -6.46 13.64 -38.00
C GLU A 43 -6.53 12.50 -36.99
N ALA A 44 -5.90 11.36 -37.29
CA ALA A 44 -5.84 10.27 -36.32
C ALA A 44 -4.97 10.64 -35.13
N ARG A 45 -3.94 11.46 -35.35
CA ARG A 45 -3.13 11.94 -34.24
C ARG A 45 -3.94 12.84 -33.31
N ARG A 46 -4.94 13.53 -33.83
CA ARG A 46 -5.77 14.38 -32.97
C ARG A 46 -6.55 13.56 -31.96
N SER A 47 -6.84 12.30 -32.27
CA SER A 47 -7.52 11.44 -31.32
C SER A 47 -6.61 11.11 -30.13
N HIS A 48 -5.31 10.92 -30.39
CA HIS A 48 -4.37 10.70 -29.29
C HIS A 48 -4.17 11.98 -28.48
N GLU A 49 -4.12 13.13 -29.17
CA GLU A 49 -4.00 14.40 -28.46
C GLU A 49 -5.26 14.73 -27.67
N HIS A 50 -6.41 14.22 -28.10
CA HIS A 50 -7.63 14.42 -27.34
C HIS A 50 -7.55 13.72 -25.98
N LEU A 51 -7.05 12.48 -25.96
CA LEU A 51 -6.89 11.76 -24.70
C LEU A 51 -5.85 12.41 -23.80
N ILE A 52 -4.78 12.93 -24.39
CA ILE A 52 -3.74 13.57 -23.60
C ILE A 52 -4.24 14.91 -23.06
N ARG A 53 -4.97 15.66 -23.88
CA ARG A 53 -5.52 16.95 -23.41
C ARG A 53 -6.49 16.74 -22.26
N LEU A 54 -7.34 15.72 -22.36
CA LEU A 54 -8.30 15.45 -21.29
C LEU A 54 -7.59 15.13 -19.97
N LEU A 55 -6.46 14.41 -20.05
CA LEU A 55 -5.71 14.10 -18.84
C LEU A 55 -5.06 15.35 -18.24
N LEU A 56 -4.52 16.22 -19.09
CA LEU A 56 -3.85 17.42 -18.59
C LEU A 56 -4.84 18.41 -17.97
N GLU A 57 -6.07 18.45 -18.47
CA GLU A 57 -7.06 19.39 -17.98
C GLU A 57 -7.78 18.89 -16.73
N LYS A 58 -8.38 17.69 -16.80
CA LYS A 58 -9.15 17.19 -15.68
C LYS A 58 -8.26 16.52 -14.62
N GLY A 59 -7.13 15.95 -15.04
CA GLY A 59 -6.24 15.29 -14.09
C GLY A 59 -6.82 14.05 -13.45
N LYS A 60 -7.71 13.36 -14.15
CA LYS A 60 -8.39 12.21 -13.60
C LYS A 60 -8.07 10.96 -14.41
N CYS A 61 -8.30 9.82 -13.81
CA CYS A 61 -8.04 8.56 -14.50
CA CYS A 61 -8.04 8.56 -14.50
C CYS A 61 -9.05 8.37 -15.63
N PRO A 62 -8.60 8.08 -16.85
CA PRO A 62 -9.55 7.81 -17.93
C PRO A 62 -10.37 6.57 -17.61
N GLU A 63 -11.62 6.56 -18.10
CA GLU A 63 -12.49 5.43 -17.83
C GLU A 63 -11.93 4.15 -18.45
N ASN A 64 -11.66 4.17 -19.75
CA ASN A 64 -11.01 3.06 -20.42
C ASN A 64 -9.52 3.34 -20.54
N GLY A 65 -8.73 2.28 -20.46
CA GLY A 65 -7.29 2.44 -20.53
C GLY A 65 -6.84 2.88 -21.91
N TRP A 66 -5.73 3.62 -21.93
CA TRP A 66 -5.12 4.02 -23.19
C TRP A 66 -4.47 2.83 -23.87
N ASP A 67 -4.36 2.91 -25.20
CA ASP A 67 -3.49 2.01 -25.93
C ASP A 67 -2.04 2.34 -25.65
N GLU A 68 -1.18 1.33 -25.80
CA GLU A 68 0.26 1.55 -25.60
C GLU A 68 0.79 2.64 -26.53
N SER A 69 0.23 2.75 -27.74
CA SER A 69 0.69 3.76 -28.68
C SER A 69 0.44 5.16 -28.13
N THR A 70 -0.72 5.39 -27.52
CA THR A 70 -1.01 6.69 -26.92
C THR A 70 -0.15 6.92 -25.68
N LEU A 71 0.07 5.87 -24.89
CA LEU A 71 0.84 6.02 -23.66
C LEU A 71 2.30 6.37 -23.96
N GLU A 72 2.92 5.64 -24.89
CA GLU A 72 4.33 5.88 -25.19
C GLU A 72 4.53 7.24 -25.87
N LEU A 73 3.60 7.61 -26.75
CA LEU A 73 3.64 8.96 -27.32
C LEU A 73 3.57 10.01 -26.22
N PHE A 74 2.70 9.80 -25.23
CA PHE A 74 2.62 10.72 -24.10
C PHE A 74 3.91 10.75 -23.29
N LEU A 75 4.51 9.58 -23.05
CA LEU A 75 5.74 9.54 -22.26
C LEU A 75 6.91 10.17 -23.00
N HIS A 76 7.03 9.90 -24.30
CA HIS A 76 8.13 10.47 -25.06
C HIS A 76 8.02 11.99 -25.14
N GLU A 77 6.79 12.50 -25.27
CA GLU A 77 6.61 13.95 -25.32
C GLU A 77 6.93 14.61 -23.99
N LEU A 78 6.64 13.94 -22.87
CA LEU A 78 7.02 14.48 -21.57
C LEU A 78 8.54 14.54 -21.43
N ALA A 79 9.23 13.46 -21.81
CA ALA A 79 10.67 13.39 -21.58
C ALA A 79 11.42 14.44 -22.40
N ILE A 80 10.88 14.82 -23.55
CA ILE A 80 11.50 15.87 -24.36
C ILE A 80 11.54 17.19 -23.62
N MET A 81 10.56 17.44 -22.74
CA MET A 81 10.49 18.70 -22.01
C MET A 81 11.58 18.82 -20.94
N ASP A 82 12.33 17.76 -20.64
CA ASP A 82 13.38 17.83 -19.64
C ASP A 82 14.69 18.30 -20.26
N SER A 83 15.39 19.17 -19.52
CA SER A 83 16.55 19.87 -20.08
C SER A 83 17.67 18.92 -20.47
N ASN A 84 17.77 17.77 -19.80
CA ASN A 84 18.79 16.79 -20.18
C ASN A 84 18.55 16.19 -21.55
N ASN A 85 17.33 16.32 -22.09
CA ASN A 85 17.00 15.82 -23.41
C ASN A 85 16.85 16.92 -24.45
N PHE A 86 17.23 18.16 -24.12
CA PHE A 86 17.19 19.23 -25.11
C PHE A 86 18.30 19.03 -26.14
N LEU A 87 18.00 19.32 -27.40
CA LEU A 87 18.96 19.06 -28.46
C LEU A 87 20.19 19.96 -28.37
N GLY A 88 20.00 21.22 -27.96
CA GLY A 88 21.11 22.14 -27.91
C GLY A 88 21.52 22.51 -26.49
N ASN A 89 21.47 21.55 -25.58
CA ASN A 89 21.76 21.80 -24.18
C ASN A 89 23.23 21.54 -23.88
N CYS A 90 23.78 22.32 -22.95
CA CYS A 90 25.11 22.10 -22.41
C CYS A 90 25.05 22.14 -20.90
N GLY A 91 25.83 21.28 -20.25
CA GLY A 91 25.81 21.18 -18.81
C GLY A 91 27.16 21.42 -18.18
N VAL A 92 27.21 22.30 -17.17
CA VAL A 92 28.45 22.64 -16.48
C VAL A 92 28.25 22.54 -14.98
N GLY A 93 27.27 21.74 -14.55
CA GLY A 93 27.00 21.51 -13.15
C GLY A 93 27.32 20.09 -12.73
N GLU A 94 26.95 19.79 -11.48
CA GLU A 94 27.21 18.48 -10.89
C GLU A 94 26.05 17.52 -11.03
N ARG A 95 24.84 18.00 -11.34
CA ARG A 95 23.66 17.16 -11.53
C ARG A 95 22.99 17.60 -12.84
N GLU A 96 23.45 17.00 -13.95
CA GLU A 96 22.93 17.34 -15.27
C GLU A 96 22.09 16.23 -15.88
N GLY A 97 21.85 15.15 -15.15
CA GLY A 97 21.07 14.05 -15.70
C GLY A 97 21.76 13.31 -16.82
N ARG A 98 23.09 13.25 -16.79
CA ARG A 98 23.83 12.47 -17.77
C ARG A 98 23.67 10.99 -17.47
N VAL A 99 23.56 10.19 -18.52
CA VAL A 99 23.36 8.75 -18.40
C VAL A 99 24.47 8.03 -19.16
N ALA A 100 25.17 7.14 -18.46
CA ALA A 100 26.24 6.37 -19.10
C ALA A 100 25.67 5.27 -19.98
N SER A 101 24.80 4.42 -19.43
CA SER A 101 24.28 3.27 -20.15
C SER A 101 23.01 3.62 -20.92
N ALA A 102 23.01 3.31 -22.23
CA ALA A 102 21.80 3.50 -23.02
C ALA A 102 20.67 2.58 -22.55
N LEU A 103 21.01 1.43 -21.95
CA LEU A 103 19.97 0.56 -21.42
C LEU A 103 19.25 1.21 -20.24
N VAL A 104 20.01 1.92 -19.40
CA VAL A 104 19.39 2.61 -18.26
C VAL A 104 18.49 3.75 -18.75
N ALA A 105 18.97 4.53 -19.72
CA ALA A 105 18.19 5.67 -20.19
C ALA A 105 16.88 5.22 -20.84
N ARG A 106 16.94 4.15 -21.64
CA ARG A 106 15.75 3.71 -22.36
C ARG A 106 14.72 3.08 -21.42
N ARG A 107 15.18 2.31 -20.44
CA ARG A 107 14.22 1.63 -19.56
C ARG A 107 13.50 2.62 -18.65
N HIS A 108 14.01 3.83 -18.49
CA HIS A 108 13.37 4.89 -17.73
C HIS A 108 12.72 5.94 -18.63
N TYR A 109 12.61 5.67 -19.94
CA TYR A 109 12.01 6.60 -20.90
C TYR A 109 12.68 7.96 -20.85
N ARG A 110 13.98 7.97 -20.53
CA ARG A 110 14.82 9.17 -20.49
C ARG A 110 14.38 10.18 -19.43
N PHE A 111 13.64 9.74 -18.41
CA PHE A 111 13.39 10.54 -17.22
C PHE A 111 14.52 10.30 -16.23
N ILE A 112 15.38 11.30 -16.02
CA ILE A 112 16.62 11.12 -15.28
C ILE A 112 16.69 12.01 -14.04
N HIS A 113 16.12 13.23 -14.11
CA HIS A 113 16.31 14.21 -13.05
C HIS A 113 15.52 13.90 -11.79
N GLY A 114 14.60 12.94 -11.81
CA GLY A 114 13.84 12.64 -10.62
C GLY A 114 12.68 13.61 -10.44
N ILE A 115 12.23 13.73 -9.19
CA ILE A 115 11.11 14.59 -8.84
C ILE A 115 11.54 15.55 -7.73
N GLY A 116 10.93 16.73 -7.72
CA GLY A 116 11.16 17.70 -6.67
C GLY A 116 12.44 18.50 -6.86
N ARG A 117 12.71 19.34 -5.87
CA ARG A 117 13.92 20.14 -5.79
C ARG A 117 14.64 19.84 -4.47
N SER A 118 15.76 20.54 -4.26
CA SER A 118 16.54 20.31 -3.06
C SER A 118 15.80 20.73 -1.80
N GLY A 119 14.94 21.74 -1.89
CA GLY A 119 14.23 22.23 -0.73
C GLY A 119 12.82 21.69 -0.58
N ASP A 120 12.19 21.35 -1.70
CA ASP A 120 10.81 20.87 -1.69
C ASP A 120 10.67 19.73 -2.70
N ILE A 121 10.20 18.58 -2.22
CA ILE A 121 10.01 17.44 -3.12
C ILE A 121 8.78 17.64 -4.00
N SER A 122 7.89 18.55 -3.62
CA SER A 122 6.69 18.84 -4.41
C SER A 122 6.87 20.05 -5.32
N ALA A 123 8.02 20.72 -5.28
CA ALA A 123 8.26 21.88 -6.12
C ALA A 123 8.55 21.47 -7.56
N VAL A 124 8.20 22.36 -8.48
CA VAL A 124 8.47 22.14 -9.90
C VAL A 124 9.97 22.31 -10.14
N GLN A 125 10.60 21.29 -10.71
CA GLN A 125 12.02 21.36 -11.02
C GLN A 125 12.23 22.16 -12.29
N PRO A 126 12.94 23.30 -12.23
CA PRO A 126 13.11 24.12 -13.44
C PRO A 126 13.87 23.42 -14.55
N LYS A 127 14.82 22.54 -14.20
CA LYS A 127 15.59 21.80 -15.19
C LYS A 127 14.85 20.58 -15.73
N ALA A 128 13.66 20.27 -15.21
CA ALA A 128 12.95 19.05 -15.62
C ALA A 128 11.44 19.35 -15.57
N ALA A 129 10.96 20.03 -16.61
CA ALA A 129 9.54 20.36 -16.68
C ALA A 129 8.70 19.11 -16.94
N GLY A 130 9.22 18.18 -17.73
CA GLY A 130 8.48 16.95 -18.00
C GLY A 130 8.36 16.07 -16.77
N SER A 131 9.44 15.93 -16.01
CA SER A 131 9.37 15.13 -14.79
C SER A 131 8.50 15.81 -13.74
N SER A 132 8.51 17.14 -13.69
CA SER A 132 7.62 17.84 -12.75
C SER A 132 6.16 17.63 -13.13
N LEU A 133 5.85 17.69 -14.43
CA LEU A 133 4.48 17.47 -14.86
C LEU A 133 4.06 16.02 -14.66
N LEU A 134 5.00 15.08 -14.83
CA LEU A 134 4.70 13.68 -14.58
C LEU A 134 4.36 13.44 -13.11
N ASN A 135 5.04 14.15 -12.21
CA ASN A 135 4.77 13.99 -10.78
C ASN A 135 3.39 14.58 -10.42
N LYS A 136 3.05 15.74 -10.98
CA LYS A 136 1.75 16.33 -10.68
C LYS A 136 0.61 15.47 -11.20
N ILE A 137 0.75 14.91 -12.41
CA ILE A 137 -0.30 14.08 -12.98
C ILE A 137 -0.43 12.77 -12.20
N THR A 138 0.69 12.19 -11.78
CA THR A 138 0.64 10.93 -11.03
C THR A 138 -0.12 11.12 -9.71
N ASN A 139 0.24 12.14 -8.94
CA ASN A 139 -0.47 12.40 -7.68
C ASN A 139 -1.95 12.69 -7.91
N SER A 140 -2.29 13.30 -9.05
CA SER A 140 -3.69 13.56 -9.34
C SER A 140 -4.43 12.28 -9.73
N LEU A 141 -3.77 11.40 -10.48
CA LEU A 141 -4.36 10.10 -10.78
C LEU A 141 -4.54 9.27 -9.52
N VAL A 142 -3.53 9.31 -8.63
CA VAL A 142 -3.61 8.55 -7.39
C VAL A 142 -4.74 9.07 -6.51
N LEU A 143 -4.87 10.40 -6.40
CA LEU A 143 -5.97 10.97 -5.63
C LEU A 143 -7.32 10.54 -6.19
N ASP A 144 -7.44 10.51 -7.52
CA ASP A 144 -8.69 10.06 -8.14
C ASP A 144 -8.99 8.61 -7.80
N ILE A 145 -7.95 7.77 -7.68
CA ILE A 145 -8.18 6.36 -7.33
C ILE A 145 -8.59 6.22 -5.86
N ILE A 146 -7.99 7.03 -4.99
CA ILE A 146 -8.33 6.95 -3.57
C ILE A 146 -9.79 7.31 -3.34
N LYS A 147 -10.30 8.30 -4.09
CA LYS A 147 -11.73 8.61 -4.01
C LYS A 147 -12.56 7.46 -4.59
N LEU A 148 -12.16 6.94 -5.74
CA LEU A 148 -12.88 5.83 -6.36
C LEU A 148 -12.88 4.59 -5.47
N ALA A 149 -11.82 4.41 -4.68
CA ALA A 149 -11.70 3.22 -3.85
C ALA A 149 -12.56 3.27 -2.61
N GLY A 150 -12.96 4.46 -2.15
CA GLY A 150 -13.81 4.56 -0.99
C GLY A 150 -13.68 5.84 -0.18
N VAL A 151 -12.52 6.49 -0.23
CA VAL A 151 -12.31 7.71 0.57
C VAL A 151 -12.59 8.89 -0.35
N HIS A 152 -13.88 9.19 -0.51
CA HIS A 152 -14.30 10.27 -1.39
C HIS A 152 -13.94 11.65 -0.83
N THR A 153 -13.62 11.74 0.45
CA THR A 153 -13.39 13.03 1.09
C THR A 153 -11.91 13.34 1.27
N VAL A 154 -11.02 12.59 0.63
CA VAL A 154 -9.59 12.84 0.76
C VAL A 154 -9.25 14.19 0.12
N ALA A 155 -8.39 14.96 0.78
CA ALA A 155 -8.07 16.31 0.33
C ALA A 155 -6.81 16.38 -0.51
N ASN A 156 -5.74 15.71 -0.08
CA ASN A 156 -4.46 15.82 -0.76
C ASN A 156 -3.65 14.56 -0.52
N CYS A 157 -2.78 14.24 -1.46
CA CYS A 157 -1.88 13.11 -1.33
C CYS A 157 -0.67 13.35 -2.22
N PHE A 158 0.34 12.50 -2.06
CA PHE A 158 1.52 12.56 -2.91
C PHE A 158 2.25 11.23 -2.84
N VAL A 159 2.81 10.83 -3.97
CA VAL A 159 3.62 9.61 -4.05
C VAL A 159 5.01 9.91 -3.51
N VAL A 160 5.51 9.03 -2.64
CA VAL A 160 6.86 9.11 -2.13
C VAL A 160 7.56 7.81 -2.50
N PRO A 161 8.77 7.86 -3.08
CA PRO A 161 9.51 6.64 -3.45
C PRO A 161 10.17 5.95 -2.26
N MET A 162 9.37 5.65 -1.24
CA MET A 162 9.82 4.87 -0.10
C MET A 162 8.72 3.87 0.25
N ALA A 163 9.12 2.78 0.88
CA ALA A 163 8.16 1.78 1.33
C ALA A 163 7.21 2.37 2.37
N THR A 164 6.16 1.60 2.68
CA THR A 164 5.17 2.05 3.66
C THR A 164 5.82 2.27 5.02
N GLY A 165 6.76 1.40 5.39
CA GLY A 165 7.41 1.55 6.69
C GLY A 165 8.17 2.87 6.81
N MET A 166 8.98 3.19 5.78
CA MET A 166 9.72 4.43 5.81
C MET A 166 8.82 5.64 5.59
N SER A 167 7.67 5.46 4.95
CA SER A 167 6.74 6.58 4.78
C SER A 167 6.01 6.89 6.07
N LEU A 168 5.71 5.87 6.88
CA LEU A 168 5.18 6.11 8.21
C LEU A 168 6.19 6.87 9.07
N THR A 169 7.46 6.50 8.97
CA THR A 169 8.52 7.22 9.68
C THR A 169 8.53 8.69 9.30
N LEU A 170 8.31 9.00 8.02
CA LEU A 170 8.29 10.40 7.58
C LEU A 170 7.14 11.16 8.23
N CYS A 171 5.99 10.53 8.38
CA CYS A 171 4.88 11.15 9.10
C CYS A 171 5.26 11.42 10.55
N PHE A 172 5.94 10.47 11.19
CA PHE A 172 6.30 10.64 12.60
C PHE A 172 7.38 11.71 12.75
N LEU A 173 8.30 11.81 11.80
CA LEU A 173 9.32 12.84 11.87
C LEU A 173 8.73 14.23 11.71
N THR A 174 7.64 14.35 10.95
CA THR A 174 6.95 15.63 10.82
C THR A 174 6.25 16.02 12.12
N LEU A 175 5.64 15.05 12.80
CA LEU A 175 4.90 15.33 14.03
C LEU A 175 5.82 15.75 15.17
N ARG A 176 7.11 15.41 15.12
CA ARG A 176 8.00 15.77 16.21
C ARG A 176 8.08 17.28 16.37
N HIS A 177 8.23 18.01 15.26
CA HIS A 177 8.37 19.45 15.33
C HIS A 177 7.07 20.15 15.71
N LYS A 178 5.94 19.47 15.59
CA LYS A 178 4.67 20.04 16.01
C LYS A 178 4.29 19.63 17.43
N ARG A 179 4.91 18.58 17.98
CA ARG A 179 4.68 18.13 19.35
C ARG A 179 6.03 17.84 19.98
N PRO A 180 6.78 18.88 20.36
CA PRO A 180 8.14 18.66 20.87
C PRO A 180 8.20 18.05 22.26
N LYS A 181 7.08 17.93 22.96
CA LYS A 181 7.06 17.37 24.30
C LYS A 181 6.60 15.92 24.33
N ALA A 182 6.44 15.29 23.17
CA ALA A 182 5.91 13.93 23.08
C ALA A 182 7.03 12.94 22.78
N LYS A 183 6.91 11.74 23.35
CA LYS A 183 7.89 10.69 23.11
C LYS A 183 7.29 9.30 22.93
N TYR A 184 5.98 9.12 23.10
CA TYR A 184 5.34 7.82 22.98
C TYR A 184 4.43 7.80 21.77
N ILE A 185 4.32 6.62 21.15
CA ILE A 185 3.39 6.37 20.07
C ILE A 185 2.51 5.20 20.51
N ILE A 186 1.22 5.47 20.70
CA ILE A 186 0.29 4.43 21.08
C ILE A 186 -0.05 3.60 19.86
N TRP A 187 0.09 2.28 19.97
CA TRP A 187 0.07 1.41 18.80
C TRP A 187 -0.61 0.08 19.10
N PRO A 188 -1.84 -0.12 18.63
CA PRO A 188 -2.47 -1.45 18.75
C PRO A 188 -1.64 -2.50 18.02
N ARG A 189 -1.44 -3.63 18.69
CA ARG A 189 -0.47 -4.62 18.24
C ARG A 189 -0.86 -5.23 16.90
N ILE A 190 0.12 -5.28 15.99
CA ILE A 190 0.02 -6.08 14.78
C ILE A 190 1.43 -6.61 14.47
N ASP A 191 1.54 -7.93 14.29
CA ASP A 191 2.84 -8.58 14.18
C ASP A 191 3.37 -8.41 12.76
N GLN A 192 3.94 -7.24 12.51
CA GLN A 192 4.55 -6.90 11.23
C GLN A 192 5.76 -6.02 11.52
N LYS A 193 6.94 -6.45 11.07
CA LYS A 193 8.17 -5.83 11.51
C LYS A 193 8.34 -4.42 10.96
N SER A 194 7.87 -4.17 9.73
CA SER A 194 8.13 -2.90 9.08
C SER A 194 7.42 -1.74 9.80
N CYS A 195 6.11 -1.87 10.02
CA CYS A 195 5.38 -0.79 10.66
C CYS A 195 5.80 -0.61 12.12
N PHE A 196 6.24 -1.68 12.78
CA PHE A 196 6.71 -1.54 14.16
C PHE A 196 8.04 -0.78 14.20
N LYS A 197 8.95 -1.09 13.28
CA LYS A 197 10.25 -0.41 13.26
C LYS A 197 10.14 1.04 12.83
N SER A 198 9.06 1.42 12.14
CA SER A 198 8.90 2.82 11.73
C SER A 198 8.88 3.74 12.94
N MET A 199 8.22 3.32 14.02
CA MET A 199 8.15 4.14 15.21
C MET A 199 9.51 4.27 15.88
N ILE A 200 10.31 3.21 15.84
CA ILE A 200 11.63 3.25 16.48
C ILE A 200 12.63 3.99 15.59
N THR A 201 12.54 3.80 14.27
CA THR A 201 13.42 4.52 13.36
C THR A 201 13.22 6.03 13.49
N ALA A 202 11.97 6.46 13.71
CA ALA A 202 11.68 7.87 13.93
C ALA A 202 12.18 8.38 15.28
N GLY A 203 12.60 7.48 16.17
CA GLY A 203 13.11 7.90 17.46
C GLY A 203 12.09 8.04 18.55
N PHE A 204 11.00 7.27 18.50
CA PHE A 204 9.96 7.31 19.52
C PHE A 204 9.80 5.93 20.14
N GLU A 205 9.17 5.90 21.31
CA GLU A 205 8.97 4.65 22.03
C GLU A 205 7.55 4.14 21.80
N PRO A 206 7.38 2.98 21.17
CA PRO A 206 6.02 2.47 20.96
C PRO A 206 5.41 1.96 22.26
N VAL A 207 4.12 2.22 22.42
CA VAL A 207 3.35 1.73 23.55
C VAL A 207 2.39 0.68 22.99
N VAL A 208 2.78 -0.59 23.10
CA VAL A 208 2.02 -1.68 22.50
C VAL A 208 0.75 -1.90 23.30
N ILE A 209 -0.40 -1.78 22.62
CA ILE A 209 -1.70 -2.06 23.22
C ILE A 209 -2.14 -3.42 22.73
N GLU A 210 -2.24 -4.38 23.65
CA GLU A 210 -2.67 -5.72 23.27
C GLU A 210 -4.11 -5.72 22.79
N ASN A 211 -4.45 -6.71 21.98
CA ASN A 211 -5.77 -6.83 21.40
C ASN A 211 -6.65 -7.73 22.25
N VAL A 212 -7.96 -7.53 22.13
CA VAL A 212 -8.95 -8.32 22.86
C VAL A 212 -9.51 -9.39 21.92
N LEU A 213 -9.63 -10.61 22.43
CA LEU A 213 -10.14 -11.73 21.65
C LEU A 213 -11.66 -11.73 21.73
N GLU A 214 -12.31 -11.21 20.69
CA GLU A 214 -13.76 -11.24 20.58
C GLU A 214 -14.13 -12.33 19.59
N GLY A 215 -14.57 -13.48 20.12
CA GLY A 215 -14.80 -14.64 19.29
C GLY A 215 -13.49 -15.20 18.77
N ASP A 216 -13.37 -15.29 17.44
CA ASP A 216 -12.09 -15.64 16.83
C ASP A 216 -11.28 -14.42 16.43
N GLU A 217 -11.88 -13.23 16.43
CA GLU A 217 -11.22 -12.02 15.96
C GLU A 217 -10.46 -11.34 17.08
N LEU A 218 -9.30 -10.77 16.73
CA LEU A 218 -8.52 -9.92 17.62
C LEU A 218 -8.80 -8.48 17.23
N ARG A 219 -9.56 -7.77 18.06
CA ARG A 219 -10.00 -6.41 17.77
C ARG A 219 -9.34 -5.43 18.75
N THR A 220 -9.62 -4.15 18.52
CA THR A 220 -9.00 -3.10 19.30
C THR A 220 -9.56 -3.04 20.72
N ASP A 221 -8.69 -2.80 21.69
CA ASP A 221 -9.09 -2.60 23.09
C ASP A 221 -9.15 -1.09 23.32
N LEU A 222 -10.33 -0.52 23.11
CA LEU A 222 -10.51 0.91 23.28
C LEU A 222 -10.30 1.35 24.73
N LYS A 223 -10.61 0.49 25.69
CA LYS A 223 -10.44 0.85 27.09
C LYS A 223 -8.97 0.99 27.46
N ALA A 224 -8.14 0.05 27.04
CA ALA A 224 -6.71 0.13 27.31
C ALA A 224 -6.06 1.31 26.59
N VAL A 225 -6.59 1.68 25.42
CA VAL A 225 -6.03 2.79 24.67
C VAL A 225 -6.25 4.10 25.41
N GLU A 226 -7.50 4.39 25.77
CA GLU A 226 -7.80 5.64 26.46
C GLU A 226 -7.19 5.65 27.86
N ALA A 227 -6.99 4.48 28.47
CA ALA A 227 -6.32 4.44 29.76
C ALA A 227 -4.86 4.84 29.64
N LYS A 228 -4.19 4.40 28.58
CA LYS A 228 -2.80 4.78 28.38
C LYS A 228 -2.65 6.28 28.10
N VAL A 229 -3.67 6.89 27.49
CA VAL A 229 -3.62 8.33 27.23
C VAL A 229 -3.59 9.11 28.54
N GLN A 230 -4.44 8.70 29.49
CA GLN A 230 -4.50 9.37 30.79
C GLN A 230 -3.30 9.04 31.67
N GLU A 231 -2.75 7.83 31.54
CA GLU A 231 -1.60 7.45 32.33
C GLU A 231 -0.34 8.20 31.89
N LEU A 232 -0.17 8.38 30.58
CA LEU A 232 1.02 9.03 30.06
C LEU A 232 0.84 10.51 29.81
N GLY A 233 -0.41 10.99 29.71
CA GLY A 233 -0.67 12.37 29.41
C GLY A 233 -0.74 12.61 27.92
N PRO A 234 -1.80 13.29 27.46
CA PRO A 234 -1.95 13.52 26.01
C PRO A 234 -0.79 14.27 25.40
N ASP A 235 -0.16 15.20 26.12
CA ASP A 235 0.95 15.95 25.57
C ASP A 235 2.20 15.09 25.35
N CYS A 236 2.30 13.95 26.04
CA CYS A 236 3.43 13.05 25.86
C CYS A 236 3.22 12.04 24.74
N ILE A 237 2.03 11.99 24.15
CA ILE A 237 1.74 11.05 23.09
C ILE A 237 1.97 11.75 21.75
N LEU A 238 2.86 11.19 20.93
CA LEU A 238 3.09 11.76 19.61
C LEU A 238 1.87 11.59 18.71
N CYS A 239 1.31 10.38 18.68
CA CYS A 239 0.12 10.08 17.89
C CYS A 239 -0.37 8.69 18.30
N ILE A 240 -1.54 8.34 17.77
CA ILE A 240 -2.09 6.99 17.86
C ILE A 240 -1.92 6.36 16.48
N HIS A 241 -1.23 5.23 16.44
CA HIS A 241 -0.84 4.58 15.19
C HIS A 241 -1.71 3.33 15.01
N SER A 242 -2.78 3.46 14.23
CA SER A 242 -3.70 2.38 13.96
C SER A 242 -3.35 1.67 12.66
N THR A 243 -4.06 0.58 12.38
CA THR A 243 -3.79 -0.25 11.22
C THR A 243 -5.09 -0.84 10.70
N THR A 244 -5.27 -0.78 9.38
CA THR A 244 -6.46 -1.36 8.74
C THR A 244 -6.16 -2.75 8.20
N SER A 245 -5.47 -2.81 7.06
CA SER A 245 -5.17 -4.09 6.42
C SER A 245 -4.18 -4.88 7.27
N CYS A 246 -4.51 -6.15 7.52
CA CYS A 246 -3.72 -7.00 8.40
C CYS A 246 -4.06 -8.46 8.14
N PHE A 247 -3.25 -9.35 8.72
CA PHE A 247 -3.48 -10.78 8.61
C PHE A 247 -4.57 -11.24 9.58
N ALA A 248 -5.39 -12.17 9.13
CA ALA A 248 -6.33 -12.83 10.02
C ALA A 248 -5.57 -13.59 11.11
N PRO A 249 -6.15 -13.75 12.31
CA PRO A 249 -7.50 -13.36 12.74
C PRO A 249 -7.63 -11.90 13.17
N ARG A 250 -6.55 -11.14 13.08
CA ARG A 250 -6.65 -9.70 13.38
C ARG A 250 -7.49 -9.03 12.30
N VAL A 251 -8.27 -8.03 12.73
CA VAL A 251 -9.15 -7.28 11.82
C VAL A 251 -8.73 -5.82 11.83
N PRO A 252 -9.23 -4.98 10.92
CA PRO A 252 -8.91 -3.55 10.99
C PRO A 252 -9.36 -2.95 12.30
N ASP A 253 -8.57 -1.99 12.79
CA ASP A 253 -8.86 -1.33 14.05
C ASP A 253 -10.16 -0.56 13.98
N ARG A 254 -10.75 -0.30 15.15
CA ARG A 254 -11.96 0.50 15.28
C ARG A 254 -11.60 1.96 15.06
N LEU A 255 -11.51 2.35 13.79
CA LEU A 255 -11.02 3.68 13.45
C LEU A 255 -11.97 4.78 13.91
N GLU A 256 -13.28 4.53 13.91
CA GLU A 256 -14.23 5.54 14.34
C GLU A 256 -14.02 5.89 15.81
N GLU A 257 -13.97 4.87 16.66
CA GLU A 257 -13.78 5.11 18.09
C GLU A 257 -12.39 5.66 18.38
N LEU A 258 -11.39 5.22 17.63
CA LEU A 258 -10.04 5.76 17.83
C LEU A 258 -9.94 7.20 17.36
N ALA A 259 -10.69 7.58 16.32
CA ALA A 259 -10.66 8.96 15.87
C ALA A 259 -11.38 9.89 16.83
N VAL A 260 -12.41 9.40 17.53
CA VAL A 260 -13.08 10.20 18.54
C VAL A 260 -12.14 10.47 19.71
N ILE A 261 -11.39 9.45 20.14
CA ILE A 261 -10.44 9.62 21.21
C ILE A 261 -9.35 10.61 20.82
N CYS A 262 -8.90 10.55 19.56
CA CYS A 262 -7.87 11.48 19.09
C CYS A 262 -8.39 12.91 19.04
N ALA A 263 -9.64 13.09 18.64
CA ALA A 263 -10.20 14.44 18.56
C ALA A 263 -10.41 15.03 19.95
N ASN A 264 -10.82 14.21 20.92
CA ASN A 264 -11.09 14.72 22.25
C ASN A 264 -9.81 15.16 22.96
N TYR A 265 -8.78 14.32 22.92
CA TYR A 265 -7.52 14.62 23.60
C TYR A 265 -6.55 15.39 22.73
N ASP A 266 -6.95 15.81 21.53
CA ASP A 266 -6.10 16.57 20.61
C ASP A 266 -4.78 15.84 20.33
N ILE A 267 -4.89 14.58 19.92
CA ILE A 267 -3.75 13.73 19.62
C ILE A 267 -3.83 13.36 18.14
N PRO A 268 -2.75 13.51 17.37
CA PRO A 268 -2.79 13.13 15.95
C PRO A 268 -3.06 11.64 15.77
N HIS A 269 -3.61 11.30 14.61
CA HIS A 269 -3.98 9.93 14.29
C HIS A 269 -3.38 9.56 12.94
N ILE A 270 -2.51 8.55 12.95
CA ILE A 270 -1.85 8.05 11.74
C ILE A 270 -2.32 6.63 11.51
N VAL A 271 -2.86 6.37 10.32
CA VAL A 271 -3.46 5.09 9.98
C VAL A 271 -2.52 4.34 9.03
N ASN A 272 -2.22 3.09 9.37
CA ASN A 272 -1.44 2.21 8.50
C ASN A 272 -2.43 1.47 7.59
N ASN A 273 -2.53 1.93 6.34
CA ASN A 273 -3.42 1.35 5.36
C ASN A 273 -2.61 0.68 4.25
N ALA A 274 -1.68 -0.19 4.63
CA ALA A 274 -0.66 -0.70 3.70
C ALA A 274 -1.27 -1.24 2.41
N TYR A 275 -2.26 -2.12 2.52
CA TYR A 275 -2.93 -2.66 1.34
C TYR A 275 -4.44 -2.62 1.51
N GLY A 276 -4.95 -1.49 1.99
CA GLY A 276 -6.38 -1.33 2.20
C GLY A 276 -7.11 -0.61 1.08
N VAL A 277 -6.37 -0.09 0.11
CA VAL A 277 -7.00 0.58 -1.03
C VAL A 277 -7.87 -0.40 -1.81
N GLN A 278 -7.41 -1.64 -1.95
CA GLN A 278 -8.13 -2.68 -2.67
C GLN A 278 -9.38 -3.15 -1.94
N SER A 279 -9.66 -2.67 -0.74
CA SER A 279 -10.80 -3.10 0.06
C SER A 279 -11.72 -1.91 0.31
N SER A 280 -12.98 -2.04 -0.10
CA SER A 280 -13.93 -0.96 0.13
C SER A 280 -14.29 -0.83 1.61
N LYS A 281 -14.27 -1.93 2.35
CA LYS A 281 -14.55 -1.84 3.78
C LYS A 281 -13.47 -1.08 4.52
N CYS A 282 -12.20 -1.28 4.13
CA CYS A 282 -11.10 -0.55 4.76
C CYS A 282 -11.16 0.94 4.45
N MET A 283 -11.45 1.29 3.19
CA MET A 283 -11.46 2.70 2.81
C MET A 283 -12.64 3.43 3.41
N HIS A 284 -13.80 2.76 3.53
CA HIS A 284 -14.95 3.39 4.17
C HIS A 284 -14.70 3.63 5.65
N LEU A 285 -13.92 2.75 6.29
CA LEU A 285 -13.54 2.96 7.69
C LEU A 285 -12.75 4.25 7.84
N ILE A 286 -11.78 4.47 6.95
CA ILE A 286 -10.99 5.70 6.99
C ILE A 286 -11.88 6.91 6.71
N GLN A 287 -12.86 6.74 5.82
CA GLN A 287 -13.77 7.84 5.50
C GLN A 287 -14.67 8.18 6.68
N GLN A 288 -15.30 7.16 7.28
CA GLN A 288 -16.18 7.40 8.40
C GLN A 288 -15.42 7.87 9.63
N GLY A 289 -14.16 7.45 9.78
CA GLY A 289 -13.36 7.91 10.90
C GLY A 289 -13.06 9.39 10.83
N ALA A 290 -12.71 9.89 9.64
CA ALA A 290 -12.50 11.32 9.47
C ALA A 290 -13.80 12.10 9.52
N ARG A 291 -14.93 11.45 9.24
CA ARG A 291 -16.21 12.15 9.29
C ARG A 291 -16.64 12.43 10.72
N VAL A 292 -16.39 11.48 11.63
CA VAL A 292 -16.83 11.64 13.02
C VAL A 292 -15.69 12.03 13.95
N GLY A 293 -14.43 11.87 13.52
CA GLY A 293 -13.30 12.14 14.40
C GLY A 293 -12.13 12.79 13.71
N ARG A 294 -10.92 12.36 14.07
CA ARG A 294 -9.69 12.95 13.58
C ARG A 294 -8.80 11.87 12.98
N ILE A 295 -8.39 12.07 11.73
CA ILE A 295 -7.38 11.24 11.08
C ILE A 295 -6.45 12.20 10.32
N ASP A 296 -5.19 12.26 10.73
CA ASP A 296 -4.27 13.24 10.16
C ASP A 296 -3.63 12.75 8.87
N ALA A 297 -3.36 11.46 8.76
CA ALA A 297 -2.79 10.91 7.54
C ALA A 297 -2.97 9.40 7.53
N PHE A 298 -3.09 8.83 6.33
CA PHE A 298 -3.11 7.39 6.14
C PHE A 298 -2.18 7.03 4.99
N VAL A 299 -1.42 5.95 5.16
CA VAL A 299 -0.33 5.59 4.27
C VAL A 299 -0.64 4.25 3.62
N GLN A 300 -0.41 4.16 2.31
CA GLN A 300 -0.68 2.96 1.53
C GLN A 300 0.53 2.60 0.68
N SER A 301 0.65 1.31 0.38
CA SER A 301 1.74 0.79 -0.43
C SER A 301 1.38 0.80 -1.91
N LEU A 302 2.35 1.12 -2.75
CA LEU A 302 2.12 1.11 -4.20
C LEU A 302 2.07 -0.30 -4.76
N ASP A 303 3.02 -1.15 -4.38
CA ASP A 303 3.09 -2.49 -4.96
C ASP A 303 1.88 -3.32 -4.57
N LYS A 304 1.40 -3.18 -3.34
CA LYS A 304 0.33 -4.04 -2.86
C LYS A 304 -1.02 -3.65 -3.43
N ASN A 305 -1.22 -2.39 -3.78
CA ASN A 305 -2.51 -1.91 -4.26
C ASN A 305 -2.57 -1.63 -5.75
N PHE A 306 -1.43 -1.50 -6.43
CA PHE A 306 -1.43 -1.16 -7.85
C PHE A 306 -0.62 -2.13 -8.70
N MET A 307 -0.12 -3.22 -8.11
CA MET A 307 0.60 -4.26 -8.84
CA MET A 307 0.61 -4.27 -8.83
C MET A 307 1.78 -3.68 -9.63
N VAL A 308 2.67 -3.02 -8.90
CA VAL A 308 3.89 -2.42 -9.46
C VAL A 308 5.06 -2.94 -8.62
N PRO A 309 6.31 -2.72 -9.02
CA PRO A 309 7.42 -3.17 -8.17
C PRO A 309 7.41 -2.47 -6.81
N VAL A 310 8.00 -3.16 -5.84
CA VAL A 310 8.08 -2.62 -4.47
C VAL A 310 8.97 -1.38 -4.46
N GLY A 311 8.68 -0.43 -3.58
CA GLY A 311 9.56 0.74 -3.45
C GLY A 311 8.85 2.04 -3.21
N GLY A 312 7.54 2.09 -3.40
CA GLY A 312 6.86 3.38 -3.27
C GLY A 312 5.67 3.33 -2.35
N ALA A 313 5.15 4.49 -1.99
CA ALA A 313 3.99 4.55 -1.11
C ALA A 313 3.24 5.86 -1.37
N ILE A 314 2.05 5.97 -0.80
CA ILE A 314 1.22 7.16 -0.91
C ILE A 314 0.89 7.66 0.49
N ILE A 315 1.16 8.94 0.73
CA ILE A 315 0.78 9.61 1.97
C ILE A 315 -0.41 10.51 1.65
N ALA A 316 -1.57 10.16 2.16
CA ALA A 316 -2.80 10.89 1.90
C ALA A 316 -3.40 11.40 3.21
N GLY A 317 -4.22 12.44 3.12
CA GLY A 317 -4.83 13.01 4.31
C GLY A 317 -6.01 13.89 3.96
N PHE A 318 -6.56 14.52 5.00
CA PHE A 318 -7.72 15.39 4.87
C PHE A 318 -7.41 16.85 5.16
N ASN A 319 -6.23 17.16 5.69
CA ASN A 319 -5.79 18.53 5.93
C ASN A 319 -4.65 18.83 4.97
N ASP A 320 -4.93 19.64 3.96
CA ASP A 320 -3.91 19.96 2.96
C ASP A 320 -2.70 20.63 3.58
N SER A 321 -2.90 21.43 4.63
CA SER A 321 -1.78 22.10 5.29
C SER A 321 -0.80 21.09 5.89
N PHE A 322 -1.32 19.99 6.45
CA PHE A 322 -0.46 19.01 7.09
C PHE A 322 0.22 18.10 6.08
N ILE A 323 -0.51 17.71 5.02
CA ILE A 323 0.09 16.87 3.98
C ILE A 323 1.24 17.59 3.30
N GLN A 324 1.09 18.90 3.07
CA GLN A 324 2.20 19.67 2.52
C GLN A 324 3.37 19.73 3.47
N GLU A 325 3.12 19.75 4.78
CA GLU A 325 4.21 19.76 5.75
C GLU A 325 5.01 18.46 5.68
N ILE A 326 4.32 17.33 5.55
CA ILE A 326 5.01 16.05 5.41
C ILE A 326 5.86 16.04 4.15
N SER A 327 5.30 16.54 3.04
CA SER A 327 6.02 16.56 1.78
C SER A 327 7.28 17.41 1.87
N LYS A 328 7.15 18.64 2.39
CA LYS A 328 8.31 19.51 2.51
C LYS A 328 9.29 19.04 3.58
N MET A 329 8.91 18.04 4.38
CA MET A 329 9.83 17.48 5.35
C MET A 329 10.87 16.56 4.69
N TYR A 330 10.59 16.11 3.47
CA TYR A 330 11.53 15.22 2.78
C TYR A 330 12.74 16.01 2.29
N PRO A 331 13.96 15.58 2.62
CA PRO A 331 15.15 16.31 2.16
C PRO A 331 15.62 15.88 0.79
N GLY A 332 15.74 16.83 -0.14
CA GLY A 332 16.35 16.56 -1.42
C GLY A 332 15.42 15.97 -2.44
N ARG A 333 15.96 15.75 -3.63
CA ARG A 333 15.18 15.16 -4.72
C ARG A 333 14.86 13.69 -4.40
N ALA A 334 14.01 13.10 -5.22
CA ALA A 334 13.59 11.73 -5.02
C ALA A 334 13.43 11.04 -6.36
N SER A 335 13.34 9.72 -6.31
CA SER A 335 13.24 8.93 -7.53
C SER A 335 11.85 9.07 -8.15
N ALA A 336 11.81 9.12 -9.48
CA ALA A 336 10.57 9.15 -10.24
C ALA A 336 10.12 7.77 -10.70
N SER A 337 10.91 6.73 -10.40
CA SER A 337 10.61 5.41 -10.92
C SER A 337 9.28 4.85 -10.42
N PRO A 338 8.98 4.89 -9.10
CA PRO A 338 7.63 4.45 -8.67
C PRO A 338 6.51 5.29 -9.28
N SER A 339 6.68 6.61 -9.37
CA SER A 339 5.65 7.45 -9.97
C SER A 339 5.38 7.06 -11.41
N LEU A 340 6.45 6.78 -12.17
CA LEU A 340 6.28 6.38 -13.57
C LEU A 340 5.55 5.04 -13.68
N ASP A 341 5.84 4.11 -12.77
CA ASP A 341 5.18 2.81 -12.82
C ASP A 341 3.69 2.93 -12.53
N VAL A 342 3.32 3.81 -11.58
CA VAL A 342 1.91 4.01 -11.28
C VAL A 342 1.23 4.75 -12.41
N LEU A 343 1.92 5.73 -13.00
CA LEU A 343 1.37 6.45 -14.15
C LEU A 343 1.09 5.50 -15.31
N ILE A 344 2.08 4.68 -15.66
CA ILE A 344 1.90 3.72 -16.75
C ILE A 344 0.74 2.78 -16.45
N THR A 345 0.66 2.31 -15.21
CA THR A 345 -0.32 1.28 -14.85
C THR A 345 -1.74 1.83 -14.87
N LEU A 346 -1.96 2.99 -14.22
CA LEU A 346 -3.30 3.55 -14.16
C LEU A 346 -3.78 4.00 -15.53
N LEU A 347 -2.90 4.59 -16.33
CA LEU A 347 -3.30 4.98 -17.68
C LEU A 347 -3.60 3.78 -18.55
N SER A 348 -2.91 2.66 -18.32
CA SER A 348 -3.17 1.45 -19.09
C SER A 348 -4.44 0.75 -18.63
N LEU A 349 -4.71 0.78 -17.33
CA LEU A 349 -5.90 0.09 -16.81
C LEU A 349 -7.14 0.97 -16.95
N GLY A 350 -7.01 2.25 -16.62
CA GLY A 350 -8.16 3.12 -16.52
C GLY A 350 -8.95 2.83 -15.26
N SER A 351 -9.89 3.73 -14.97
CA SER A 351 -10.74 3.58 -13.80
C SER A 351 -11.63 2.33 -13.92
N ASN A 352 -12.08 1.99 -15.13
CA ASN A 352 -12.84 0.75 -15.30
C ASN A 352 -11.95 -0.47 -15.12
N GLY A 353 -10.69 -0.40 -15.55
CA GLY A 353 -9.79 -1.52 -15.38
C GLY A 353 -9.45 -1.79 -13.94
N TYR A 354 -9.28 -0.72 -13.15
CA TYR A 354 -9.03 -0.90 -11.72
C TYR A 354 -10.27 -1.38 -11.00
N LYS A 355 -11.45 -0.87 -11.37
CA LYS A 355 -12.70 -1.35 -10.80
C LYS A 355 -12.90 -2.84 -11.07
N LYS A 356 -12.56 -3.29 -12.28
CA LYS A 356 -12.68 -4.71 -12.59
C LYS A 356 -11.83 -5.56 -11.65
N LEU A 357 -10.62 -5.10 -11.35
CA LEU A 357 -9.76 -5.85 -10.43
CA LEU A 357 -9.76 -5.86 -10.43
C LEU A 357 -10.31 -5.82 -9.00
N LEU A 358 -10.94 -4.71 -8.60
CA LEU A 358 -11.54 -4.65 -7.27
C LEU A 358 -12.74 -5.59 -7.17
N LYS A 359 -13.51 -5.75 -8.25
CA LYS A 359 -14.64 -6.67 -8.22
C LYS A 359 -14.17 -8.12 -8.22
N GLU A 360 -13.17 -8.44 -9.04
CA GLU A 360 -12.66 -9.81 -9.10
C GLU A 360 -11.95 -10.20 -7.81
N ARG A 361 -11.50 -9.25 -7.00
CA ARG A 361 -10.89 -9.59 -5.73
C ARG A 361 -11.95 -10.04 -4.71
N LYS A 362 -13.11 -9.38 -4.72
CA LYS A 362 -14.21 -9.82 -3.87
C LYS A 362 -14.71 -11.20 -4.29
N GLU A 363 -14.77 -11.45 -5.60
CA GLU A 363 -15.20 -12.77 -6.08
C GLU A 363 -14.20 -13.84 -5.65
N MET A 364 -12.91 -13.59 -5.83
CA MET A 364 -11.91 -14.57 -5.44
C MET A 364 -11.85 -14.76 -3.93
N PHE A 365 -12.24 -13.75 -3.17
CA PHE A 365 -12.28 -13.90 -1.71
C PHE A 365 -13.35 -14.90 -1.30
N SER A 366 -14.54 -14.82 -1.91
CA SER A 366 -15.59 -15.80 -1.63
C SER A 366 -15.20 -17.18 -2.13
N TYR A 367 -14.54 -17.25 -3.29
CA TYR A 367 -14.13 -18.55 -3.82
C TYR A 367 -13.03 -19.16 -2.94
N LEU A 368 -12.07 -18.35 -2.50
CA LEU A 368 -11.02 -18.88 -1.64
C LEU A 368 -11.58 -19.33 -0.29
N SER A 369 -12.58 -18.62 0.22
CA SER A 369 -13.17 -19.00 1.50
C SER A 369 -13.90 -20.33 1.40
N ASN A 370 -14.71 -20.51 0.35
CA ASN A 370 -15.45 -21.76 0.19
C ASN A 370 -14.53 -22.95 -0.02
N GLN A 371 -13.40 -22.75 -0.73
CA GLN A 371 -12.48 -23.86 -0.94
C GLN A 371 -11.75 -24.25 0.34
N ILE A 372 -11.50 -23.28 1.23
CA ILE A 372 -10.87 -23.59 2.50
C ILE A 372 -11.83 -24.33 3.41
N LYS A 373 -13.12 -23.93 3.39
CA LYS A 373 -14.13 -24.63 4.19
C LYS A 373 -14.24 -26.09 3.78
N LYS A 374 -14.28 -26.38 2.48
CA LYS A 374 -14.37 -27.76 2.04
C LYS A 374 -13.13 -28.55 2.39
N LEU A 375 -11.95 -27.92 2.30
CA LEU A 375 -10.73 -28.64 2.60
C LEU A 375 -10.54 -28.84 4.10
N SER A 376 -11.10 -27.93 4.91
CA SER A 376 -10.92 -28.04 6.36
C SER A 376 -11.74 -29.20 6.93
N GLU A 377 -12.93 -29.45 6.38
CA GLU A 377 -13.76 -30.53 6.89
C GLU A 377 -13.09 -31.89 6.71
N ALA A 378 -12.44 -32.10 5.56
CA ALA A 378 -11.84 -33.40 5.28
C ALA A 378 -10.70 -33.72 6.23
N TYR A 379 -10.04 -32.69 6.78
CA TYR A 379 -8.91 -32.89 7.68
C TYR A 379 -9.24 -32.53 9.12
N ASN A 380 -10.53 -32.53 9.46
CA ASN A 380 -10.98 -32.28 10.84
C ASN A 380 -10.52 -30.91 11.33
N GLU A 381 -10.59 -29.92 10.46
CA GLU A 381 -10.26 -28.53 10.78
C GLU A 381 -11.45 -27.64 10.47
N ARG A 382 -11.32 -26.36 10.81
CA ARG A 382 -12.37 -25.39 10.56
C ARG A 382 -11.74 -24.08 10.10
N LEU A 383 -12.59 -23.17 9.64
CA LEU A 383 -12.18 -21.85 9.19
C LEU A 383 -12.50 -20.85 10.29
N LEU A 384 -11.49 -20.10 10.73
CA LEU A 384 -11.69 -19.08 11.75
C LEU A 384 -12.67 -18.02 11.25
N HIS A 385 -13.72 -17.78 12.02
CA HIS A 385 -14.76 -16.83 11.63
C HIS A 385 -14.24 -15.42 11.86
N THR A 386 -13.82 -14.76 10.78
CA THR A 386 -13.30 -13.39 10.83
C THR A 386 -14.02 -12.56 9.77
N PRO A 387 -15.31 -12.26 9.98
CA PRO A 387 -16.06 -11.50 8.97
C PRO A 387 -15.63 -10.05 8.83
N HIS A 388 -14.84 -9.52 9.76
CA HIS A 388 -14.40 -8.13 9.67
C HIS A 388 -13.10 -7.97 8.90
N ASN A 389 -12.40 -9.06 8.59
CA ASN A 389 -11.20 -8.99 7.76
C ASN A 389 -11.57 -9.36 6.33
N PRO A 390 -11.57 -8.42 5.40
CA PRO A 390 -12.05 -8.69 4.03
C PRO A 390 -10.97 -9.11 3.05
N ILE A 391 -9.74 -9.36 3.49
CA ILE A 391 -8.64 -9.72 2.61
C ILE A 391 -7.99 -11.05 3.02
N SER A 392 -7.73 -11.22 4.31
CA SER A 392 -6.99 -12.36 4.82
C SER A 392 -7.93 -13.39 5.45
N LEU A 393 -7.58 -14.66 5.32
CA LEU A 393 -8.30 -15.77 5.93
C LEU A 393 -7.34 -16.58 6.78
N ALA A 394 -7.91 -17.42 7.65
CA ALA A 394 -7.10 -18.25 8.55
C ALA A 394 -7.80 -19.57 8.79
N MET A 395 -7.14 -20.67 8.42
CA MET A 395 -7.64 -22.01 8.68
C MET A 395 -6.91 -22.61 9.88
N THR A 396 -7.68 -23.25 10.77
CA THR A 396 -7.08 -23.81 11.97
C THR A 396 -6.16 -24.98 11.63
N LEU A 397 -5.14 -25.15 12.48
CA LEU A 397 -4.19 -26.27 12.38
C LEU A 397 -4.10 -27.00 13.71
N LYS A 398 -5.25 -27.12 14.39
CA LYS A 398 -5.31 -27.74 15.73
C LYS A 398 -4.91 -29.22 15.64
N THR A 399 -5.56 -29.95 14.72
CA THR A 399 -5.29 -31.38 14.58
C THR A 399 -4.05 -31.58 13.71
N LEU A 400 -2.92 -31.04 14.14
CA LEU A 400 -1.69 -31.29 13.35
C LEU A 400 -0.52 -31.72 14.22
N ASP A 401 0.22 -30.76 14.78
CA ASP A 401 1.48 -31.12 15.48
C ASP A 401 1.24 -32.14 16.59
N GLU A 402 2.11 -33.15 16.65
CA GLU A 402 2.05 -34.09 17.78
C GLU A 402 3.00 -33.64 18.89
N HIS A 403 2.77 -32.40 19.34
CA HIS A 403 3.52 -31.76 20.41
C HIS A 403 4.97 -31.46 19.99
N ARG A 404 5.68 -32.49 19.52
CA ARG A 404 7.08 -32.34 19.12
C ARG A 404 7.35 -33.02 17.79
N ASP A 405 6.33 -33.18 16.95
CA ASP A 405 6.52 -33.73 15.62
C ASP A 405 6.93 -32.68 14.59
N LYS A 406 6.92 -31.40 14.97
CA LYS A 406 7.34 -30.30 14.08
C LYS A 406 6.52 -30.29 12.78
N ALA A 407 5.24 -30.64 12.90
CA ALA A 407 4.40 -30.71 11.71
C ALA A 407 3.99 -29.33 11.22
N VAL A 408 3.75 -28.40 12.14
CA VAL A 408 3.36 -27.05 11.76
C VAL A 408 4.50 -26.37 11.00
N THR A 409 5.72 -26.47 11.52
CA THR A 409 6.87 -25.91 10.82
C THR A 409 7.15 -26.65 9.52
N GLN A 410 6.90 -27.96 9.48
CA GLN A 410 7.12 -28.72 8.25
C GLN A 410 6.12 -28.34 7.16
N LEU A 411 4.90 -28.01 7.55
CA LEU A 411 3.89 -27.64 6.55
C LEU A 411 4.31 -26.39 5.78
N GLY A 412 4.81 -25.37 6.49
CA GLY A 412 5.26 -24.17 5.80
C GLY A 412 6.44 -24.42 4.89
N SER A 413 7.30 -25.37 5.24
CA SER A 413 8.45 -25.68 4.40
C SER A 413 8.04 -26.50 3.17
N MET A 414 7.08 -27.42 3.33
CA MET A 414 6.63 -28.21 2.19
C MET A 414 5.85 -27.35 1.20
N LEU A 415 5.06 -26.40 1.70
CA LEU A 415 4.36 -25.47 0.82
C LEU A 415 5.35 -24.60 0.06
N PHE A 416 6.41 -24.13 0.73
CA PHE A 416 7.42 -23.35 0.04
C PHE A 416 8.20 -24.19 -0.97
N THR A 417 8.32 -25.50 -0.72
CA THR A 417 9.00 -26.38 -1.67
C THR A 417 8.19 -26.55 -2.94
N ARG A 418 6.86 -26.67 -2.81
CA ARG A 418 5.96 -26.84 -3.95
C ARG A 418 5.53 -25.52 -4.57
N GLN A 419 6.35 -24.48 -4.44
CA GLN A 419 6.14 -23.20 -5.11
C GLN A 419 4.80 -22.57 -4.73
N VAL A 420 4.53 -22.52 -3.43
CA VAL A 420 3.38 -21.81 -2.88
C VAL A 420 3.91 -20.68 -2.02
N SER A 421 3.59 -19.45 -2.41
CA SER A 421 4.02 -18.26 -1.68
C SER A 421 2.81 -17.51 -1.16
N GLY A 422 3.03 -16.76 -0.07
CA GLY A 422 1.98 -15.98 0.55
C GLY A 422 1.20 -16.69 1.63
N ALA A 423 1.29 -18.01 1.70
CA ALA A 423 0.60 -18.78 2.74
C ALA A 423 1.57 -18.96 3.90
N ARG A 424 1.45 -18.10 4.91
CA ARG A 424 2.29 -18.19 6.09
C ARG A 424 1.61 -19.03 7.17
N VAL A 425 2.43 -19.76 7.91
CA VAL A 425 1.96 -20.62 9.00
C VAL A 425 2.35 -19.98 10.32
N VAL A 426 1.38 -19.86 11.22
CA VAL A 426 1.60 -19.24 12.52
C VAL A 426 1.51 -20.29 13.61
N PRO A 427 2.64 -20.76 14.14
CA PRO A 427 2.60 -21.69 15.26
C PRO A 427 2.38 -20.96 16.58
N LEU A 428 2.11 -21.75 17.61
CA LEU A 428 1.90 -21.22 18.96
C LEU A 428 3.22 -21.11 19.70
N GLY A 429 3.26 -20.19 20.67
CA GLY A 429 4.44 -20.05 21.52
C GLY A 429 5.66 -19.46 20.86
N SER A 430 5.51 -18.84 19.70
CA SER A 430 6.64 -18.23 19.03
C SER A 430 7.06 -16.94 19.73
N MET A 431 8.36 -16.75 19.87
CA MET A 431 8.91 -15.56 20.53
C MET A 431 9.94 -14.91 19.64
N GLN A 432 9.75 -13.62 19.36
CA GLN A 432 10.62 -12.87 18.47
C GLN A 432 11.02 -11.57 19.15
N THR A 433 12.28 -11.18 18.98
CA THR A 433 12.80 -9.92 19.50
C THR A 433 13.08 -8.99 18.33
N VAL A 434 12.35 -7.89 18.27
CA VAL A 434 12.43 -6.95 17.15
C VAL A 434 12.82 -5.59 17.73
N SER A 435 14.05 -5.16 17.44
CA SER A 435 14.56 -3.85 17.87
C SER A 435 14.45 -3.68 19.39
N GLY A 436 14.87 -4.70 20.13
CA GLY A 436 14.90 -4.66 21.57
C GLY A 436 13.61 -5.04 22.26
N TYR A 437 12.51 -5.17 21.53
CA TYR A 437 11.22 -5.54 22.10
CA TYR A 437 11.22 -5.54 22.10
C TYR A 437 10.93 -7.00 21.77
N THR A 438 10.63 -7.78 22.81
CA THR A 438 10.36 -9.21 22.66
C THR A 438 8.85 -9.44 22.58
N PHE A 439 8.39 -9.99 21.47
CA PHE A 439 6.99 -10.32 21.27
C PHE A 439 6.74 -11.78 21.66
N ARG A 440 5.70 -12.01 22.46
CA ARG A 440 5.26 -13.36 22.78
C ARG A 440 4.08 -13.73 21.90
N GLY A 441 4.12 -14.94 21.36
CA GLY A 441 3.11 -15.34 20.39
C GLY A 441 3.25 -14.59 19.08
N PHE A 442 4.49 -14.40 18.62
CA PHE A 442 4.74 -13.61 17.42
C PHE A 442 4.02 -14.22 16.22
N MET A 443 3.62 -13.35 15.29
CA MET A 443 2.83 -13.62 14.10
C MET A 443 1.37 -13.94 14.42
N SER A 444 0.98 -13.95 15.69
CA SER A 444 -0.40 -14.19 16.08
C SER A 444 -1.11 -12.95 16.59
N HIS A 445 -0.40 -11.84 16.71
CA HIS A 445 -0.92 -10.55 17.17
C HIS A 445 -1.42 -10.59 18.61
N THR A 446 -1.06 -11.63 19.37
CA THR A 446 -1.49 -11.76 20.75
C THR A 446 -0.52 -12.71 21.46
N ASN A 447 -0.60 -12.72 22.79
CA ASN A 447 0.33 -13.50 23.58
C ASN A 447 0.01 -14.98 23.55
N ASN A 448 -1.27 -15.34 23.59
CA ASN A 448 -1.69 -16.75 23.64
C ASN A 448 -2.97 -16.92 22.83
N TYR A 449 -2.81 -17.11 21.53
CA TYR A 449 -3.98 -17.43 20.72
C TYR A 449 -4.36 -18.90 20.94
N PRO A 450 -5.66 -19.23 20.88
CA PRO A 450 -6.07 -20.60 21.19
C PRO A 450 -5.40 -21.68 20.36
N CYS A 451 -5.11 -21.42 19.09
CA CYS A 451 -4.60 -22.48 18.23
C CYS A 451 -3.69 -21.91 17.16
N ALA A 452 -2.87 -22.78 16.58
CA ALA A 452 -2.09 -22.44 15.41
C ALA A 452 -2.98 -22.47 14.17
N TYR A 453 -2.65 -21.62 13.20
CA TYR A 453 -3.49 -21.47 12.01
C TYR A 453 -2.63 -21.26 10.77
N LEU A 454 -3.29 -21.31 9.62
CA LEU A 454 -2.67 -21.11 8.33
C LEU A 454 -3.33 -19.92 7.65
N ASN A 455 -2.53 -18.98 7.17
CA ASN A 455 -3.03 -17.76 6.55
C ASN A 455 -3.14 -17.90 5.04
N ALA A 456 -4.18 -17.31 4.48
CA ALA A 456 -4.35 -17.21 3.03
C ALA A 456 -5.16 -15.96 2.75
N ALA A 457 -4.76 -15.22 1.71
CA ALA A 457 -5.37 -13.94 1.40
C ALA A 457 -5.77 -13.89 -0.07
N SER A 458 -6.74 -13.03 -0.34
CA SER A 458 -7.19 -12.74 -1.70
C SER A 458 -6.83 -11.29 -1.99
N ALA A 459 -5.68 -11.10 -2.63
CA ALA A 459 -5.20 -9.78 -2.99
C ALA A 459 -5.52 -9.47 -4.45
N ILE A 460 -5.32 -8.20 -4.81
CA ILE A 460 -5.67 -7.74 -6.15
C ILE A 460 -4.78 -8.44 -7.17
N GLY A 461 -5.39 -8.91 -8.26
CA GLY A 461 -4.67 -9.59 -9.30
C GLY A 461 -4.58 -11.10 -9.16
N MET A 462 -5.15 -11.68 -8.10
CA MET A 462 -5.11 -13.13 -7.93
C MET A 462 -6.10 -13.79 -8.88
N LYS A 463 -5.63 -14.80 -9.59
CA LYS A 463 -6.48 -15.53 -10.52
C LYS A 463 -7.07 -16.77 -9.85
N MET A 464 -8.09 -17.34 -10.48
CA MET A 464 -8.71 -18.54 -9.94
C MET A 464 -7.73 -19.72 -9.94
N GLN A 465 -6.77 -19.73 -10.86
CA GLN A 465 -5.77 -20.79 -10.88
C GLN A 465 -4.90 -20.77 -9.62
N ASP A 466 -4.71 -19.59 -9.03
CA ASP A 466 -3.93 -19.50 -7.80
C ASP A 466 -4.60 -20.27 -6.66
N VAL A 467 -5.92 -20.15 -6.54
CA VAL A 467 -6.64 -20.84 -5.47
C VAL A 467 -6.67 -22.34 -5.73
N ASP A 468 -6.93 -22.74 -6.98
CA ASP A 468 -7.03 -24.16 -7.31
C ASP A 468 -5.70 -24.87 -7.14
N LEU A 469 -4.59 -24.18 -7.45
CA LEU A 469 -3.27 -24.77 -7.22
C LEU A 469 -2.92 -24.75 -5.73
N PHE A 470 -3.38 -23.73 -5.00
CA PHE A 470 -3.12 -23.67 -3.57
C PHE A 470 -3.83 -24.80 -2.83
N ILE A 471 -5.11 -24.99 -3.12
CA ILE A 471 -5.87 -26.06 -2.47
C ILE A 471 -5.30 -27.42 -2.83
N LYS A 472 -4.95 -27.62 -4.10
CA LYS A 472 -4.40 -28.91 -4.53
C LYS A 472 -3.08 -29.21 -3.83
N ARG A 473 -2.20 -28.21 -3.72
CA ARG A 473 -0.91 -28.44 -3.08
C ARG A 473 -0.99 -28.46 -1.56
N LEU A 474 -1.92 -27.69 -0.99
CA LEU A 474 -2.13 -27.76 0.46
C LEU A 474 -2.69 -29.12 0.86
N ASP A 475 -3.62 -29.64 0.05
CA ASP A 475 -4.17 -30.97 0.34
C ASP A 475 -3.09 -32.04 0.28
N ARG A 476 -2.20 -31.96 -0.71
CA ARG A 476 -1.13 -32.94 -0.81
C ARG A 476 -0.15 -32.83 0.36
N CYS A 477 0.07 -31.62 0.87
CA CYS A 477 0.98 -31.45 2.00
C CYS A 477 0.39 -32.00 3.28
N LEU A 478 -0.93 -31.83 3.46
CA LEU A 478 -1.58 -32.35 4.66
C LEU A 478 -1.59 -33.88 4.68
N LYS A 479 -1.73 -34.51 3.51
CA LYS A 479 -1.67 -35.96 3.46
C LYS A 479 -0.29 -36.48 3.84
N ALA A 480 0.76 -35.72 3.52
CA ALA A 480 2.12 -36.17 3.85
C ALA A 480 2.36 -36.16 5.36
N VAL A 481 1.76 -35.21 6.08
CA VAL A 481 1.92 -35.17 7.54
C VAL A 481 1.08 -36.26 8.20
N ARG A 482 -0.17 -36.43 7.75
CA ARG A 482 -1.03 -37.47 8.30
C ARG A 482 -0.46 -38.86 8.05
N LYS A 483 0.18 -39.06 6.89
CA LYS A 483 0.77 -40.36 6.58
C LYS A 483 2.06 -40.58 7.36
N GLU A 484 2.79 -39.51 7.67
CA GLU A 484 4.03 -39.62 8.43
C GLU A 484 3.75 -39.87 9.91
N1 PLR B . 2.36 -3.03 7.63
C2 PLR B . 1.67 -4.04 7.00
C2A PLR B . 0.48 -4.66 7.67
C3 PLR B . 2.07 -4.47 5.74
O3 PLR B . 1.36 -5.47 5.13
C4 PLR B . 3.16 -3.90 5.10
C4A PLR B . 3.16 -4.01 3.60
C5 PLR B . 3.86 -2.88 5.75
C6 PLR B . 3.46 -2.46 7.01
C5A PLR B . 5.09 -2.17 5.17
O4P PLR B . 5.72 -2.85 4.11
P PLR B . 7.12 -2.33 3.53
O1P PLR B . 6.95 -1.94 2.08
O2P PLR B . 8.13 -3.45 3.65
O3P PLR B . 7.60 -1.14 4.33
P PO4 C . 17.91 22.69 -7.43
O1 PO4 C . 16.99 21.51 -6.92
O2 PO4 C . 17.19 23.32 -8.70
O3 PO4 C . 19.29 22.20 -7.69
O4 PO4 C . 17.91 23.83 -6.31
#